data_4NYZ
#
_entry.id   4NYZ
#
_cell.length_a   122.553
_cell.length_b   122.553
_cell.length_c   198.797
_cell.angle_alpha   90.00
_cell.angle_beta   90.00
_cell.angle_gamma   90.00
#
_symmetry.space_group_name_H-M   'I 41 2 2'
#
loop_
_entity.id
_entity.type
_entity.pdbx_description
1 polymer 'Genome polyprotein'
2 non-polymer GLUTAMINE
3 non-polymer 'MAGNESIUM ION'
4 non-polymer GLYCEROL
5 water water
#
_entity_poly.entity_id   1
_entity_poly.type   'polypeptide(L)'
_entity_poly.pdbx_seq_one_letter_code
;GALERLPDGPRIHVPRKTALRPTVARQVFQPAFAPAVLSKFDPRTDADVDEVAFSKHTSNQETLPPVFRMVAREYANRVF
ALLGRDNGRLSVKQALDGLEGMDPMDKNTSPGLPYTTLGMRRTDVVDWETATLIPFAAERLEKMNNKDFSDIVYQTFLKD
ELRPIEKVQAAKTRIVDVPPFEHCILGRQLLGKFASKFQTQPGLELGSAIGCDPDVHWTAFGVAMQGFERVYDVDYSNFD
STHSVAVFRLLAEEFFSEENGFDPLVKDYLESLAISKHAYEEKRYLITGGLPSGCAATSMLNTIMNNIIIRAGLYLTYKN
FEFDDVKVLSYGDDLLVATNYQLNFDRVRTSLAKTGYKITPANKTSTFPLESTLEDVVFLKRKFKKEGPLYRPVMNREAL
EAMLSYYRPGTLSEKLTSITMLAVHSGKQEYDRLFAPFREVGVIVPTFESVEYRWRSLFW
;
_entity_poly.pdbx_strand_id   A
#
loop_
_chem_comp.id
_chem_comp.type
_chem_comp.name
_chem_comp.formula
GOL non-polymer GLYCEROL 'C3 H8 O3'
MG non-polymer 'MAGNESIUM ION' 'Mg 2'
#
# COMPACT_ATOMS: atom_id res chain seq x y z
N GLY A 1 16.94 -5.22 -18.59
CA GLY A 1 18.03 -5.07 -17.59
C GLY A 1 17.63 -5.58 -16.21
N ALA A 2 16.58 -4.99 -15.65
CA ALA A 2 16.09 -5.36 -14.32
C ALA A 2 15.14 -6.56 -14.33
N LEU A 3 14.80 -7.07 -15.51
CA LEU A 3 13.97 -8.28 -15.65
C LEU A 3 14.77 -9.37 -16.35
N GLU A 4 15.09 -10.43 -15.62
CA GLU A 4 15.90 -11.54 -16.13
C GLU A 4 15.04 -12.78 -16.31
N ARG A 5 14.93 -13.27 -17.55
CA ARG A 5 14.19 -14.49 -17.84
C ARG A 5 15.03 -15.72 -17.45
N LEU A 6 14.62 -16.39 -16.38
CA LEU A 6 15.26 -17.63 -15.94
C LEU A 6 14.71 -18.81 -16.74
N PRO A 7 15.27 -20.02 -16.53
CA PRO A 7 14.67 -21.21 -17.15
C PRO A 7 13.26 -21.51 -16.61
N ASP A 8 12.45 -22.17 -17.43
CA ASP A 8 11.07 -22.51 -17.07
C ASP A 8 10.98 -23.51 -15.93
N GLY A 9 9.85 -23.51 -15.25
CA GLY A 9 9.54 -24.49 -14.21
C GLY A 9 8.15 -25.06 -14.44
N PRO A 10 7.61 -25.79 -13.45
CA PRO A 10 6.25 -26.30 -13.56
C PRO A 10 5.20 -25.18 -13.57
N ARG A 11 4.11 -25.38 -14.31
CA ARG A 11 3.08 -24.35 -14.45
C ARG A 11 2.28 -24.11 -13.17
N ILE A 12 2.49 -22.95 -12.55
CA ILE A 12 1.65 -22.50 -11.45
C ILE A 12 0.37 -21.93 -12.04
N HIS A 13 -0.78 -22.34 -11.49
CA HIS A 13 -2.07 -21.85 -11.97
C HIS A 13 -2.21 -20.35 -11.71
N VAL A 14 -2.62 -19.62 -12.74
CA VAL A 14 -2.87 -18.17 -12.65
C VAL A 14 -4.34 -17.90 -13.00
N PRO A 15 -5.13 -17.41 -12.03
CA PRO A 15 -6.54 -17.11 -12.27
C PRO A 15 -6.78 -16.23 -13.49
N ARG A 16 -7.68 -16.68 -14.36
CA ARG A 16 -7.86 -16.06 -15.69
C ARG A 16 -9.26 -15.46 -15.90
N LYS A 17 -10.09 -15.49 -14.88
CA LYS A 17 -11.46 -14.97 -14.97
C LYS A 17 -11.84 -14.28 -13.68
N THR A 18 -12.51 -13.14 -13.79
CA THR A 18 -12.84 -12.32 -12.63
C THR A 18 -13.93 -12.96 -11.78
N ALA A 19 -13.85 -12.73 -10.47
CA ALA A 19 -14.92 -13.12 -9.54
C ALA A 19 -15.93 -11.99 -9.36
N LEU A 20 -15.64 -10.82 -9.91
CA LEU A 20 -16.51 -9.64 -9.77
C LEU A 20 -17.71 -9.73 -10.71
N ARG A 21 -18.90 -9.44 -10.16
CA ARG A 21 -20.14 -9.36 -10.93
C ARG A 21 -20.77 -8.00 -10.71
N PRO A 22 -21.55 -7.51 -11.70
CA PRO A 22 -22.23 -6.22 -11.55
C PRO A 22 -23.41 -6.26 -10.58
N THR A 23 -23.68 -5.14 -9.92
CA THR A 23 -24.87 -4.98 -9.09
C THR A 23 -25.92 -4.23 -9.89
N VAL A 24 -27.11 -4.07 -9.30
CA VAL A 24 -28.16 -3.22 -9.90
C VAL A 24 -27.75 -1.75 -10.00
N ALA A 25 -26.76 -1.34 -9.22
CA ALA A 25 -26.30 0.05 -9.22
C ALA A 25 -25.53 0.44 -10.48
N ARG A 26 -24.88 -0.54 -11.14
CA ARG A 26 -24.03 -0.25 -12.29
C ARG A 26 -24.78 0.43 -13.43
N GLN A 27 -25.98 -0.07 -13.74
CA GLN A 27 -26.79 0.52 -14.81
C GLN A 27 -27.27 1.93 -14.47
N VAL A 28 -27.32 2.26 -13.18
CA VAL A 28 -27.68 3.61 -12.73
C VAL A 28 -26.46 4.54 -12.78
N PHE A 29 -25.38 4.14 -12.11
CA PHE A 29 -24.20 5.01 -11.97
C PHE A 29 -23.29 4.98 -13.20
N GLN A 30 -23.21 3.83 -13.86
CA GLN A 30 -22.40 3.67 -15.08
C GLN A 30 -20.98 4.20 -14.88
N PRO A 31 -20.23 3.57 -13.96
CA PRO A 31 -18.92 4.07 -13.59
C PRO A 31 -17.88 3.84 -14.69
N ALA A 32 -16.88 4.72 -14.76
CA ALA A 32 -15.76 4.55 -15.68
C ALA A 32 -14.70 3.62 -15.07
N PHE A 33 -15.17 2.50 -14.51
CA PHE A 33 -14.33 1.48 -13.90
C PHE A 33 -14.91 0.12 -14.29
N ALA A 34 -14.07 -0.89 -14.36
CA ALA A 34 -14.52 -2.25 -14.67
C ALA A 34 -13.46 -3.26 -14.23
N PRO A 35 -13.83 -4.56 -14.16
CA PRO A 35 -12.85 -5.57 -13.78
C PRO A 35 -11.60 -5.54 -14.66
N ALA A 36 -10.44 -5.71 -14.04
CA ALA A 36 -9.16 -5.73 -14.74
C ALA A 36 -9.12 -6.84 -15.79
N VAL A 37 -8.33 -6.64 -16.84
CA VAL A 37 -8.07 -7.68 -17.83
C VAL A 37 -7.19 -8.75 -17.18
N LEU A 38 -7.67 -10.00 -17.23
CA LEU A 38 -6.92 -11.14 -16.68
C LEU A 38 -6.49 -12.11 -17.77
N SER A 39 -6.97 -11.92 -18.99
CA SER A 39 -6.77 -12.88 -20.08
C SER A 39 -6.18 -12.22 -21.30
N LYS A 40 -5.36 -12.99 -22.02
CA LYS A 40 -4.81 -12.58 -23.31
C LYS A 40 -5.90 -12.29 -24.35
N PHE A 41 -7.03 -12.98 -24.25
CA PHE A 41 -8.10 -12.86 -25.24
C PHE A 41 -9.30 -12.02 -24.80
N ASP A 42 -9.07 -11.07 -23.89
CA ASP A 42 -10.11 -10.14 -23.47
C ASP A 42 -10.42 -9.18 -24.62
N PRO A 43 -11.70 -9.11 -25.04
CA PRO A 43 -12.06 -8.25 -26.18
C PRO A 43 -12.07 -6.74 -25.88
N ARG A 44 -11.93 -6.35 -24.61
CA ARG A 44 -11.98 -4.95 -24.22
C ARG A 44 -10.62 -4.25 -24.41
N THR A 45 -9.60 -5.00 -24.80
CA THR A 45 -8.26 -4.43 -25.02
C THR A 45 -7.64 -5.01 -26.28
N ASP A 46 -6.74 -4.25 -26.89
CA ASP A 46 -5.94 -4.73 -28.02
C ASP A 46 -4.60 -5.30 -27.57
N ALA A 47 -4.23 -5.05 -26.32
CA ALA A 47 -2.90 -5.44 -25.81
C ALA A 47 -2.89 -6.83 -25.19
N ASP A 48 -1.69 -7.32 -24.89
CA ASP A 48 -1.48 -8.60 -24.22
C ASP A 48 -1.12 -8.34 -22.77
N VAL A 49 -2.00 -8.76 -21.86
CA VAL A 49 -1.82 -8.46 -20.43
C VAL A 49 -0.55 -9.06 -19.82
N ASP A 50 -0.11 -10.22 -20.33
CA ASP A 50 1.11 -10.87 -19.84
C ASP A 50 2.36 -10.02 -20.06
N GLU A 51 2.41 -9.32 -21.20
CA GLU A 51 3.53 -8.43 -21.51
C GLU A 51 3.40 -7.08 -20.80
N VAL A 52 2.19 -6.52 -20.82
CA VAL A 52 1.95 -5.19 -20.25
C VAL A 52 2.18 -5.17 -18.74
N ALA A 53 1.76 -6.22 -18.06
CA ALA A 53 1.84 -6.29 -16.60
C ALA A 53 3.27 -6.34 -16.07
N PHE A 54 4.21 -6.83 -16.88
CA PHE A 54 5.60 -6.96 -16.46
C PHE A 54 6.58 -5.93 -17.06
N SER A 55 6.08 -5.07 -17.95
CA SER A 55 6.94 -4.09 -18.63
C SER A 55 7.57 -3.07 -17.68
N LYS A 56 6.94 -2.83 -16.53
CA LYS A 56 7.50 -1.94 -15.52
C LYS A 56 8.82 -2.44 -14.95
N HIS A 57 8.99 -3.77 -14.92
CA HIS A 57 10.18 -4.38 -14.33
C HIS A 57 11.37 -4.50 -15.29
N THR A 58 11.20 -4.07 -16.54
CA THR A 58 12.27 -4.18 -17.54
C THR A 58 13.48 -3.33 -17.16
N SER A 59 13.24 -2.05 -16.87
CA SER A 59 14.30 -1.15 -16.42
C SER A 59 14.06 -0.71 -14.97
N ASN A 60 15.12 -0.27 -14.32
CA ASN A 60 15.06 0.14 -12.91
C ASN A 60 16.19 1.12 -12.60
N GLN A 61 15.92 2.07 -11.72
CA GLN A 61 16.92 3.08 -11.32
C GLN A 61 18.02 2.43 -10.50
N GLU A 62 19.22 2.38 -11.06
CA GLU A 62 20.34 1.64 -10.47
C GLU A 62 21.03 2.39 -9.33
N THR A 63 21.06 3.72 -9.40
CA THR A 63 21.72 4.55 -8.39
C THR A 63 20.84 5.71 -7.93
N LEU A 64 21.17 6.23 -6.74
CA LEU A 64 20.52 7.43 -6.21
C LEU A 64 21.61 8.38 -5.69
N PRO A 65 21.42 9.70 -5.87
CA PRO A 65 22.43 10.65 -5.39
C PRO A 65 22.47 10.75 -3.85
N PRO A 66 23.56 11.33 -3.30
CA PRO A 66 23.80 11.40 -1.85
C PRO A 66 22.65 11.96 -1.00
N VAL A 67 21.88 12.91 -1.55
CA VAL A 67 20.78 13.53 -0.82
C VAL A 67 19.76 12.53 -0.26
N PHE A 68 19.54 11.41 -0.95
CA PHE A 68 18.59 10.40 -0.49
C PHE A 68 19.05 9.73 0.81
N ARG A 69 20.35 9.47 0.91
CA ARG A 69 20.93 8.91 2.13
C ARG A 69 20.78 9.87 3.31
N MET A 70 21.05 11.14 3.06
CA MET A 70 20.97 12.19 4.08
C MET A 70 19.54 12.30 4.64
N VAL A 71 18.55 12.31 3.77
CA VAL A 71 17.15 12.42 4.19
C VAL A 71 16.69 11.17 4.95
N ALA A 72 17.10 10.00 4.47
CA ALA A 72 16.78 8.73 5.14
C ALA A 72 17.31 8.71 6.57
N ARG A 73 18.57 9.11 6.73
CA ARG A 73 19.21 9.19 8.04
C ARG A 73 18.48 10.18 8.94
N GLU A 74 18.15 11.34 8.41
CA GLU A 74 17.47 12.37 9.19
C GLU A 74 16.05 11.97 9.57
N TYR A 75 15.33 11.31 8.67
CA TYR A 75 13.98 10.81 8.99
C TYR A 75 14.06 9.71 10.04
N ALA A 76 15.06 8.84 9.92
CA ALA A 76 15.31 7.80 10.90
C ALA A 76 15.52 8.39 12.30
N ASN A 77 16.32 9.45 12.39
CA ASN A 77 16.56 10.12 13.68
C ASN A 77 15.28 10.57 14.36
N ARG A 78 14.33 11.07 13.57
CA ARG A 78 13.07 11.59 14.10
C ARG A 78 12.12 10.47 14.51
N VAL A 79 12.05 9.44 13.67
CA VAL A 79 11.16 8.30 13.92
C VAL A 79 11.55 7.57 15.20
N PHE A 80 12.82 7.23 15.33
CA PHE A 80 13.30 6.44 16.48
C PHE A 80 13.46 7.26 17.75
N ALA A 81 13.48 8.58 17.64
CA ALA A 81 13.36 9.46 18.81
C ALA A 81 11.96 9.35 19.41
N LEU A 82 10.96 9.21 18.54
CA LEU A 82 9.57 9.05 18.96
C LEU A 82 9.24 7.63 19.41
N LEU A 83 9.70 6.64 18.65
CA LEU A 83 9.29 5.25 18.86
C LEU A 83 10.28 4.41 19.68
N GLY A 84 11.50 4.90 19.88
CA GLY A 84 12.52 4.16 20.61
C GLY A 84 13.23 3.12 19.75
N ARG A 85 14.31 2.57 20.30
CA ARG A 85 15.16 1.63 19.56
C ARG A 85 15.11 0.19 20.10
N ASP A 86 14.07 -0.14 20.84
CA ASP A 86 13.82 -1.53 21.24
C ASP A 86 13.08 -2.26 20.11
N ASN A 87 13.83 -2.60 19.06
CA ASN A 87 13.26 -3.12 17.82
C ASN A 87 13.80 -4.51 17.46
N GLY A 88 14.18 -5.29 18.47
CA GLY A 88 14.73 -6.63 18.26
C GLY A 88 13.71 -7.59 17.68
N ARG A 89 14.19 -8.75 17.21
CA ARG A 89 13.32 -9.73 16.57
C ARG A 89 12.38 -10.42 17.55
N LEU A 90 11.20 -10.78 17.08
CA LEU A 90 10.22 -11.51 17.86
C LEU A 90 10.40 -13.00 17.64
N SER A 91 9.76 -13.81 18.49
CA SER A 91 9.73 -15.25 18.30
C SER A 91 8.69 -15.61 17.24
N VAL A 92 8.68 -16.86 16.83
CA VAL A 92 7.71 -17.34 15.84
C VAL A 92 6.30 -17.30 16.43
N LYS A 93 6.18 -17.69 17.70
CA LYS A 93 4.93 -17.61 18.44
C LYS A 93 4.34 -16.20 18.39
N GLN A 94 5.17 -15.22 18.73
CA GLN A 94 4.76 -13.81 18.71
C GLN A 94 4.42 -13.32 17.30
N ALA A 95 5.15 -13.80 16.31
CA ALA A 95 4.87 -13.46 14.91
C ALA A 95 3.52 -14.01 14.47
N LEU A 96 3.23 -15.25 14.86
CA LEU A 96 1.95 -15.89 14.55
C LEU A 96 0.79 -15.25 15.29
N ASP A 97 0.95 -15.09 16.61
CA ASP A 97 -0.10 -14.52 17.45
C ASP A 97 -0.24 -13.00 17.29
N GLY A 98 0.82 -12.34 16.84
CA GLY A 98 0.84 -10.89 16.76
C GLY A 98 1.09 -10.27 18.13
N LEU A 99 0.92 -8.96 18.22
CA LEU A 99 1.14 -8.23 19.46
C LEU A 99 -0.03 -7.25 19.66
N GLU A 100 0.21 -6.11 20.31
CA GLU A 100 -0.81 -5.06 20.42
C GLU A 100 -1.09 -4.49 19.03
N GLY A 101 -0.06 -4.00 18.37
CA GLY A 101 -0.16 -3.57 16.98
C GLY A 101 -0.15 -4.78 16.06
N MET A 102 -0.88 -4.66 14.94
CA MET A 102 -1.13 -5.78 14.01
C MET A 102 -2.01 -6.85 14.65
N ASP A 103 -3.03 -7.28 13.91
CA ASP A 103 -3.83 -8.43 14.31
C ASP A 103 -3.02 -9.71 14.10
N PRO A 104 -3.45 -10.84 14.70
CA PRO A 104 -2.74 -12.11 14.50
C PRO A 104 -2.54 -12.47 13.03
N MET A 105 -1.51 -13.28 12.75
CA MET A 105 -1.17 -13.69 11.39
C MET A 105 -2.31 -14.52 10.80
N ASP A 106 -2.76 -14.16 9.61
CA ASP A 106 -3.91 -14.81 8.98
C ASP A 106 -3.60 -16.25 8.62
N LYS A 107 -4.49 -17.16 9.02
CA LYS A 107 -4.27 -18.60 8.84
C LYS A 107 -4.96 -19.19 7.61
N ASN A 108 -5.75 -18.38 6.90
CA ASN A 108 -6.46 -18.85 5.71
C ASN A 108 -6.00 -18.22 4.38
N THR A 109 -5.02 -17.31 4.44
CA THR A 109 -4.41 -16.78 3.22
C THR A 109 -3.44 -17.79 2.62
N SER A 110 -3.03 -17.55 1.38
CA SER A 110 -2.18 -18.49 0.64
C SER A 110 -0.81 -18.69 1.31
N PRO A 111 -0.38 -19.97 1.46
CA PRO A 111 0.92 -20.28 2.05
C PRO A 111 2.11 -20.15 1.09
N GLY A 112 1.85 -19.80 -0.17
CA GLY A 112 2.91 -19.60 -1.15
C GLY A 112 3.50 -20.92 -1.66
N LEU A 113 4.62 -20.81 -2.36
CA LEU A 113 5.28 -21.99 -2.95
C LEU A 113 6.23 -22.65 -1.96
N PRO A 114 6.41 -23.99 -2.05
CA PRO A 114 5.79 -24.90 -3.02
C PRO A 114 4.46 -25.50 -2.54
N TYR A 115 3.91 -24.98 -1.44
CA TYR A 115 2.79 -25.61 -0.75
C TYR A 115 1.49 -25.58 -1.57
N THR A 116 1.25 -24.49 -2.30
CA THR A 116 0.06 -24.36 -3.13
C THR A 116 0.03 -25.38 -4.26
N THR A 117 1.21 -25.69 -4.81
CA THR A 117 1.33 -26.73 -5.84
C THR A 117 0.94 -28.10 -5.29
N LEU A 118 1.28 -28.35 -4.02
CA LEU A 118 0.98 -29.61 -3.35
C LEU A 118 -0.39 -29.63 -2.66
N GLY A 119 -1.17 -28.54 -2.79
CA GLY A 119 -2.52 -28.47 -2.23
C GLY A 119 -2.55 -28.43 -0.72
N MET A 120 -1.68 -27.62 -0.13
CA MET A 120 -1.61 -27.45 1.32
C MET A 120 -2.03 -26.04 1.72
N ARG A 121 -2.56 -25.92 2.94
CA ARG A 121 -2.88 -24.61 3.53
C ARG A 121 -1.81 -24.24 4.56
N ARG A 122 -1.93 -23.03 5.11
CA ARG A 122 -1.03 -22.58 6.18
C ARG A 122 -1.16 -23.41 7.44
N THR A 123 -2.38 -23.85 7.75
CA THR A 123 -2.63 -24.68 8.94
C THR A 123 -1.97 -26.06 8.88
N ASP A 124 -1.63 -26.50 7.68
CA ASP A 124 -0.93 -27.77 7.49
C ASP A 124 0.55 -27.68 7.88
N VAL A 125 1.19 -26.55 7.58
CA VAL A 125 2.65 -26.42 7.77
C VAL A 125 3.06 -25.89 9.14
N VAL A 126 2.12 -25.34 9.90
CA VAL A 126 2.37 -24.96 11.30
C VAL A 126 1.19 -25.28 12.21
N ASP A 127 1.50 -25.45 13.48
CA ASP A 127 0.49 -25.57 14.53
C ASP A 127 0.44 -24.24 15.26
N TRP A 128 -0.71 -23.57 15.25
CA TRP A 128 -0.84 -22.24 15.88
C TRP A 128 -0.53 -22.26 17.37
N GLU A 129 -0.98 -23.31 18.06
CA GLU A 129 -0.55 -23.57 19.43
C GLU A 129 0.87 -24.09 19.37
N THR A 130 1.72 -23.62 20.28
CA THR A 130 3.13 -24.05 20.40
C THR A 130 4.06 -23.67 19.23
N ALA A 131 3.51 -23.18 18.12
CA ALA A 131 4.29 -22.65 16.99
C ALA A 131 5.38 -23.61 16.50
N THR A 132 4.96 -24.74 15.95
CA THR A 132 5.89 -25.76 15.44
C THR A 132 5.78 -25.87 13.94
N LEU A 133 6.90 -25.65 13.24
CA LEU A 133 6.95 -25.81 11.79
C LEU A 133 7.20 -27.27 11.43
N ILE A 134 6.64 -27.69 10.30
CA ILE A 134 6.93 -29.02 9.74
C ILE A 134 8.37 -29.06 9.22
N PRO A 135 9.05 -30.22 9.34
CA PRO A 135 10.48 -30.37 9.05
C PRO A 135 11.01 -29.56 7.86
N PHE A 136 10.38 -29.72 6.70
CA PHE A 136 10.80 -29.03 5.48
C PHE A 136 10.81 -27.51 5.65
N ALA A 137 9.81 -26.98 6.34
CA ALA A 137 9.68 -25.53 6.57
C ALA A 137 10.71 -25.02 7.57
N ALA A 138 10.97 -25.82 8.62
CA ALA A 138 11.97 -25.47 9.63
C ALA A 138 13.37 -25.38 9.01
N GLU A 139 13.67 -26.28 8.07
CA GLU A 139 14.92 -26.25 7.33
C GLU A 139 15.03 -24.99 6.47
N ARG A 140 13.93 -24.64 5.80
CA ARG A 140 13.87 -23.41 5.00
C ARG A 140 14.06 -22.15 5.84
N LEU A 141 13.44 -22.13 7.02
CA LEU A 141 13.57 -21.00 7.94
C LEU A 141 15.01 -20.89 8.47
N GLU A 142 15.57 -22.02 8.87
CA GLU A 142 16.96 -22.08 9.35
C GLU A 142 17.93 -21.62 8.27
N LYS A 143 17.65 -22.01 7.02
CA LYS A 143 18.48 -21.62 5.87
C LYS A 143 18.49 -20.10 5.69
N MET A 144 17.31 -19.47 5.79
CA MET A 144 17.20 -18.01 5.72
C MET A 144 17.92 -17.34 6.89
N ASN A 145 17.81 -17.91 8.08
CA ASN A 145 18.52 -17.41 9.27
C ASN A 145 20.05 -17.43 9.12
N ASN A 146 20.57 -18.28 8.24
CA ASN A 146 21.97 -18.23 7.83
C ASN A 146 22.19 -17.39 6.57
N LYS A 147 21.38 -16.33 6.41
CA LYS A 147 21.53 -15.35 5.32
C LYS A 147 21.32 -15.91 3.90
N ASP A 148 20.70 -17.07 3.79
CA ASP A 148 20.52 -17.73 2.48
C ASP A 148 19.04 -17.74 2.07
N PHE A 149 18.69 -16.81 1.18
CA PHE A 149 17.32 -16.68 0.67
C PHE A 149 17.20 -17.20 -0.77
N SER A 150 18.14 -18.03 -1.21
CA SER A 150 18.18 -18.51 -2.60
C SER A 150 17.06 -19.49 -2.96
N ASP A 151 16.42 -20.09 -1.96
CA ASP A 151 15.33 -21.04 -2.20
C ASP A 151 13.98 -20.37 -2.46
N ILE A 152 13.73 -19.21 -1.85
CA ILE A 152 12.38 -18.65 -1.85
C ILE A 152 11.97 -18.09 -3.21
N VAL A 153 10.75 -18.41 -3.63
CA VAL A 153 10.21 -17.96 -4.92
C VAL A 153 8.81 -17.41 -4.69
N TYR A 154 8.55 -16.24 -5.25
CA TYR A 154 7.24 -15.59 -5.11
C TYR A 154 6.21 -16.18 -6.07
N GLN A 155 5.03 -16.48 -5.55
CA GLN A 155 3.91 -16.89 -6.40
C GLN A 155 3.27 -15.63 -6.94
N THR A 156 3.37 -15.44 -8.25
CA THR A 156 2.94 -14.21 -8.90
C THR A 156 1.73 -14.46 -9.82
N PHE A 157 0.73 -13.57 -9.73
CA PHE A 157 -0.45 -13.65 -10.59
C PHE A 157 -1.12 -12.29 -10.73
N LEU A 158 -2.10 -12.20 -11.62
CA LEU A 158 -2.78 -10.95 -11.91
C LEU A 158 -3.80 -10.61 -10.84
N LYS A 159 -3.90 -9.33 -10.49
CA LYS A 159 -4.79 -8.88 -9.42
C LYS A 159 -6.22 -8.64 -9.93
N ASP A 160 -7.15 -9.46 -9.42
CA ASP A 160 -8.56 -9.37 -9.78
C ASP A 160 -9.23 -8.24 -9.00
N GLU A 161 -9.43 -7.11 -9.67
CA GLU A 161 -9.99 -5.92 -9.05
C GLU A 161 -10.57 -4.98 -10.09
N LEU A 162 -11.30 -3.97 -9.63
CA LEU A 162 -11.73 -2.88 -10.50
C LEU A 162 -10.54 -2.03 -10.89
N ARG A 163 -10.52 -1.61 -12.16
CA ARG A 163 -9.55 -0.62 -12.63
C ARG A 163 -10.29 0.45 -13.42
N PRO A 164 -9.69 1.66 -13.52
CA PRO A 164 -10.21 2.69 -14.42
C PRO A 164 -10.33 2.15 -15.84
N ILE A 165 -11.36 2.58 -16.57
CA ILE A 165 -11.64 2.05 -17.91
C ILE A 165 -10.45 2.17 -18.87
N GLU A 166 -9.64 3.22 -18.74
CA GLU A 166 -8.45 3.37 -19.59
C GLU A 166 -7.39 2.32 -19.27
N LYS A 167 -7.25 1.96 -18.00
CA LYS A 167 -6.31 0.91 -17.61
C LYS A 167 -6.81 -0.47 -18.05
N VAL A 168 -8.13 -0.65 -18.06
CA VAL A 168 -8.74 -1.86 -18.61
C VAL A 168 -8.39 -1.98 -20.09
N GLN A 169 -8.62 -0.91 -20.85
CA GLN A 169 -8.40 -0.92 -22.30
C GLN A 169 -6.93 -1.06 -22.71
N ALA A 170 -6.02 -0.60 -21.85
CA ALA A 170 -4.58 -0.76 -22.09
C ALA A 170 -4.04 -2.06 -21.47
N ALA A 171 -4.92 -2.88 -20.89
CA ALA A 171 -4.53 -4.12 -20.22
C ALA A 171 -3.52 -3.90 -19.09
N LYS A 172 -3.62 -2.74 -18.42
CA LYS A 172 -2.71 -2.39 -17.34
C LYS A 172 -3.23 -2.96 -16.03
N THR A 173 -2.99 -4.26 -15.86
CA THR A 173 -3.45 -5.00 -14.70
C THR A 173 -2.29 -5.13 -13.71
N ARG A 174 -2.58 -4.91 -12.43
CA ARG A 174 -1.59 -5.03 -11.36
C ARG A 174 -1.29 -6.49 -11.02
N ILE A 175 -0.21 -6.69 -10.27
CA ILE A 175 0.33 -8.01 -9.98
C ILE A 175 0.33 -8.27 -8.46
N VAL A 176 -0.03 -9.50 -8.09
CA VAL A 176 0.04 -9.92 -6.69
C VAL A 176 1.25 -10.86 -6.51
N ASP A 177 2.04 -10.61 -5.48
CA ASP A 177 3.19 -11.47 -5.14
C ASP A 177 2.99 -12.09 -3.77
N VAL A 178 2.74 -13.39 -3.74
CA VAL A 178 2.61 -14.10 -2.47
C VAL A 178 3.93 -14.76 -2.13
N PRO A 179 4.57 -14.35 -1.01
CA PRO A 179 5.80 -15.00 -0.59
C PRO A 179 5.53 -16.31 0.16
N PRO A 180 6.53 -17.20 0.23
CA PRO A 180 6.38 -18.42 1.02
C PRO A 180 6.05 -18.10 2.48
N PHE A 181 5.20 -18.93 3.08
CA PHE A 181 4.69 -18.68 4.42
C PHE A 181 5.78 -18.47 5.48
N GLU A 182 6.87 -19.24 5.38
CA GLU A 182 8.01 -19.10 6.29
C GLU A 182 8.78 -17.77 6.08
N HIS A 183 8.76 -17.27 4.84
CA HIS A 183 9.34 -15.95 4.54
C HIS A 183 8.53 -14.82 5.18
N CYS A 184 7.21 -14.99 5.28
CA CYS A 184 6.35 -14.03 5.96
C CYS A 184 6.56 -14.04 7.47
N ILE A 185 6.66 -15.24 8.03
CA ILE A 185 6.92 -15.41 9.46
C ILE A 185 8.22 -14.72 9.84
N LEU A 186 9.27 -14.98 9.07
CA LEU A 186 10.57 -14.34 9.27
C LEU A 186 10.44 -12.82 9.15
N GLY A 187 9.72 -12.36 8.13
CA GLY A 187 9.46 -10.94 7.94
C GLY A 187 8.80 -10.30 9.15
N ARG A 188 7.75 -10.94 9.66
CA ARG A 188 7.05 -10.44 10.84
C ARG A 188 7.89 -10.57 12.11
N GLN A 189 8.76 -11.59 12.16
CA GLN A 189 9.71 -11.73 13.26
C GLN A 189 10.68 -10.55 13.32
N LEU A 190 11.21 -10.16 12.17
CA LEU A 190 12.28 -9.15 12.10
C LEU A 190 11.79 -7.70 12.17
N LEU A 191 10.59 -7.44 11.64
CA LEU A 191 10.05 -6.08 11.55
C LEU A 191 8.81 -5.83 12.42
N GLY A 192 8.27 -6.90 13.02
CA GLY A 192 6.99 -6.82 13.74
C GLY A 192 6.98 -5.95 14.98
N LYS A 193 8.07 -5.98 15.75
CA LYS A 193 8.16 -5.17 16.96
C LYS A 193 8.08 -3.70 16.62
N PHE A 194 8.85 -3.28 15.62
CA PHE A 194 8.81 -1.91 15.11
C PHE A 194 7.45 -1.59 14.47
N ALA A 195 6.93 -2.52 13.68
CA ALA A 195 5.64 -2.34 13.01
C ALA A 195 4.51 -2.09 14.02
N SER A 196 4.53 -2.80 15.14
CA SER A 196 3.54 -2.60 16.19
C SER A 196 3.48 -1.15 16.65
N LYS A 197 4.64 -0.54 16.88
CA LYS A 197 4.71 0.83 17.39
C LYS A 197 4.44 1.86 16.29
N PHE A 198 5.04 1.65 15.13
CA PHE A 198 4.90 2.57 13.99
C PHE A 198 3.45 2.70 13.54
N GLN A 199 2.75 1.57 13.50
CA GLN A 199 1.39 1.51 12.98
C GLN A 199 0.31 1.82 14.04
N THR A 200 0.73 2.03 15.29
CA THR A 200 -0.19 2.46 16.35
C THR A 200 0.03 3.92 16.76
N GLN A 201 0.83 4.66 16.00
CA GLN A 201 1.11 6.05 16.31
C GLN A 201 1.06 6.95 15.06
N PRO A 202 0.01 6.80 14.23
CA PRO A 202 -0.08 7.62 13.02
C PRO A 202 -0.34 9.10 13.31
N GLY A 203 0.25 9.98 12.50
CA GLY A 203 0.09 11.42 12.68
C GLY A 203 1.17 12.20 11.95
N LEU A 204 1.01 13.52 11.89
CA LEU A 204 2.00 14.41 11.29
C LEU A 204 3.39 14.22 11.88
N GLU A 205 3.45 14.10 13.20
CA GLU A 205 4.73 14.00 13.91
C GLU A 205 5.56 12.80 13.44
N LEU A 206 4.91 11.64 13.30
CA LEU A 206 5.59 10.43 12.83
C LEU A 206 5.92 10.55 11.34
N GLY A 207 5.01 11.15 10.58
CA GLY A 207 5.15 11.29 9.14
C GLY A 207 4.37 10.24 8.38
N SER A 208 3.60 9.42 9.09
CA SER A 208 2.87 8.31 8.50
C SER A 208 1.44 8.23 9.04
N ALA A 209 0.53 7.83 8.16
CA ALA A 209 -0.87 7.61 8.55
C ALA A 209 -1.20 6.11 8.55
N ILE A 210 -0.19 5.26 8.39
CA ILE A 210 -0.41 3.81 8.37
C ILE A 210 -0.99 3.34 9.70
N GLY A 211 -2.02 2.51 9.61
CA GLY A 211 -2.70 1.98 10.78
C GLY A 211 -3.79 2.89 11.33
N CYS A 212 -4.11 3.97 10.61
CA CYS A 212 -5.18 4.86 11.05
C CYS A 212 -6.56 4.30 10.72
N ASP A 213 -7.54 4.71 11.51
CA ASP A 213 -8.96 4.59 11.17
C ASP A 213 -9.44 6.00 10.81
N PRO A 214 -9.75 6.24 9.52
CA PRO A 214 -10.17 7.56 9.05
C PRO A 214 -11.29 8.23 9.85
N ASP A 215 -12.26 7.44 10.32
CA ASP A 215 -13.36 7.97 11.15
C ASP A 215 -12.88 8.76 12.36
N VAL A 216 -11.84 8.27 13.03
CA VAL A 216 -11.33 8.92 14.23
C VAL A 216 -10.13 9.83 13.92
N HIS A 217 -9.20 9.35 13.11
CA HIS A 217 -7.94 10.05 12.90
C HIS A 217 -8.00 11.25 11.95
N TRP A 218 -9.10 11.40 11.21
CA TRP A 218 -9.24 12.56 10.32
C TRP A 218 -9.26 13.86 11.13
N THR A 219 -9.93 13.83 12.28
CA THR A 219 -9.95 14.98 13.19
C THR A 219 -8.55 15.35 13.66
N ALA A 220 -7.78 14.36 14.12
CA ALA A 220 -6.41 14.58 14.58
C ALA A 220 -5.51 15.09 13.46
N PHE A 221 -5.57 14.43 12.30
CA PHE A 221 -4.80 14.84 11.13
C PHE A 221 -5.12 16.28 10.74
N GLY A 222 -6.41 16.57 10.59
CA GLY A 222 -6.88 17.89 10.19
C GLY A 222 -6.52 19.00 11.17
N VAL A 223 -6.69 18.73 12.45
CA VAL A 223 -6.34 19.71 13.49
C VAL A 223 -4.85 20.03 13.44
N ALA A 224 -4.01 19.02 13.24
CA ALA A 224 -2.57 19.22 13.17
C ALA A 224 -2.13 19.99 11.91
N MET A 225 -2.91 19.93 10.84
CA MET A 225 -2.58 20.58 9.57
C MET A 225 -3.27 21.94 9.34
N GLN A 226 -4.36 22.21 10.05
CA GLN A 226 -5.20 23.39 9.79
C GLN A 226 -4.50 24.73 10.03
N GLY A 227 -3.49 24.74 10.90
CA GLY A 227 -2.72 25.96 11.18
C GLY A 227 -1.74 26.37 10.10
N PHE A 228 -1.34 25.42 9.26
CA PHE A 228 -0.39 25.70 8.17
C PHE A 228 -1.05 26.53 7.07
N GLU A 229 -0.26 27.36 6.40
CA GLU A 229 -0.75 28.21 5.33
C GLU A 229 -1.32 27.38 4.18
N ARG A 230 -0.63 26.29 3.86
CA ARG A 230 -1.08 25.42 2.78
C ARG A 230 -0.77 23.94 3.02
N VAL A 231 -1.50 23.12 2.27
CA VAL A 231 -1.30 21.68 2.26
C VAL A 231 -1.39 21.23 0.80
N TYR A 232 -0.37 20.50 0.34
CA TYR A 232 -0.31 19.99 -1.02
C TYR A 232 -0.50 18.48 -0.98
N ASP A 233 -1.16 17.94 -2.00
CA ASP A 233 -1.31 16.48 -2.11
C ASP A 233 -0.45 15.93 -3.25
N VAL A 234 0.10 14.75 -3.04
CA VAL A 234 1.03 14.14 -3.97
C VAL A 234 0.67 12.68 -4.17
N ASP A 235 0.67 12.23 -5.40
CA ASP A 235 0.40 10.84 -5.75
C ASP A 235 1.66 10.21 -6.34
N TYR A 236 2.08 9.08 -5.79
CA TYR A 236 3.23 8.33 -6.28
C TYR A 236 2.86 7.18 -7.21
N SER A 237 1.58 6.84 -7.31
CA SER A 237 1.18 5.65 -8.06
C SER A 237 1.64 5.77 -9.51
N ASN A 238 2.32 4.73 -9.98
CA ASN A 238 2.89 4.73 -11.32
C ASN A 238 3.00 3.30 -11.81
N PHE A 239 2.19 2.95 -12.79
CA PHE A 239 2.15 1.60 -13.33
C PHE A 239 3.45 1.22 -14.03
N ASP A 240 4.13 2.21 -14.63
CA ASP A 240 5.28 1.97 -15.49
C ASP A 240 6.62 1.81 -14.77
N SER A 241 6.67 2.07 -13.46
CA SER A 241 7.95 2.00 -12.75
C SER A 241 7.79 1.51 -11.31
N THR A 242 8.92 1.14 -10.71
CA THR A 242 8.96 0.61 -9.35
C THR A 242 10.08 1.25 -8.54
N HIS A 243 10.16 0.93 -7.26
CA HIS A 243 11.20 1.50 -6.39
C HIS A 243 12.59 1.07 -6.81
N SER A 244 13.51 2.03 -6.76
CA SER A 244 14.92 1.76 -7.01
C SER A 244 15.43 0.67 -6.07
N VAL A 245 16.25 -0.22 -6.61
CA VAL A 245 16.95 -1.21 -5.79
C VAL A 245 17.82 -0.53 -4.73
N ALA A 246 18.39 0.62 -5.09
CA ALA A 246 19.25 1.38 -4.18
C ALA A 246 18.50 1.88 -2.93
N VAL A 247 17.20 2.11 -3.08
CA VAL A 247 16.37 2.56 -1.96
C VAL A 247 16.30 1.51 -0.84
N PHE A 248 16.28 0.23 -1.22
CA PHE A 248 16.30 -0.86 -0.25
C PHE A 248 17.59 -0.87 0.55
N ARG A 249 18.71 -0.65 -0.15
CA ARG A 249 20.02 -0.58 0.51
C ARG A 249 20.09 0.58 1.50
N LEU A 250 19.49 1.72 1.13
CA LEU A 250 19.45 2.89 2.01
C LEU A 250 18.65 2.62 3.30
N LEU A 251 17.49 1.99 3.17
CA LEU A 251 16.69 1.64 4.34
C LEU A 251 17.43 0.64 5.24
N ALA A 252 18.10 -0.32 4.61
CA ALA A 252 18.83 -1.36 5.35
C ALA A 252 19.87 -0.79 6.31
N GLU A 253 20.63 0.20 5.85
CA GLU A 253 21.77 0.71 6.61
C GLU A 253 21.58 2.09 7.23
N GLU A 254 20.56 2.83 6.82
CA GLU A 254 20.25 4.13 7.43
C GLU A 254 19.02 4.10 8.33
N PHE A 255 18.03 3.26 8.01
CA PHE A 255 16.78 3.21 8.76
C PHE A 255 16.67 1.94 9.60
N PHE A 256 16.53 0.79 8.95
CA PHE A 256 16.36 -0.49 9.65
C PHE A 256 17.72 -1.11 9.97
N SER A 257 18.55 -0.37 10.71
CA SER A 257 19.93 -0.77 10.99
C SER A 257 20.06 -1.34 12.39
N GLU A 258 21.18 -2.00 12.64
CA GLU A 258 21.48 -2.53 13.97
C GLU A 258 21.62 -1.40 14.99
N GLU A 259 22.09 -0.24 14.54
CA GLU A 259 22.24 0.93 15.41
C GLU A 259 20.89 1.39 15.96
N ASN A 260 19.83 1.25 15.17
CA ASN A 260 18.47 1.58 15.60
C ASN A 260 17.72 0.41 16.25
N GLY A 261 18.45 -0.67 16.57
CA GLY A 261 17.92 -1.77 17.38
C GLY A 261 17.40 -2.98 16.63
N PHE A 262 17.66 -3.07 15.33
CA PHE A 262 17.15 -4.18 14.52
C PHE A 262 18.09 -5.36 14.45
N ASP A 263 17.53 -6.53 14.15
CA ASP A 263 18.30 -7.77 14.05
C ASP A 263 19.28 -7.69 12.87
N PRO A 264 20.49 -8.27 13.02
CA PRO A 264 21.47 -8.30 11.92
C PRO A 264 20.96 -8.88 10.60
N LEU A 265 19.96 -9.77 10.67
CA LEU A 265 19.41 -10.43 9.49
C LEU A 265 18.51 -9.53 8.63
N VAL A 266 18.08 -8.39 9.17
CA VAL A 266 17.14 -7.51 8.45
C VAL A 266 17.66 -7.08 7.08
N LYS A 267 18.93 -6.73 7.00
CA LYS A 267 19.55 -6.35 5.72
C LYS A 267 19.38 -7.42 4.65
N ASP A 268 19.48 -8.69 5.06
CA ASP A 268 19.34 -9.82 4.15
C ASP A 268 17.88 -10.04 3.74
N TYR A 269 16.97 -9.86 4.69
CA TYR A 269 15.54 -9.95 4.40
C TYR A 269 15.11 -8.87 3.42
N LEU A 270 15.55 -7.63 3.68
CA LEU A 270 15.26 -6.52 2.77
C LEU A 270 15.84 -6.75 1.38
N GLU A 271 17.01 -7.38 1.32
CA GLU A 271 17.63 -7.73 0.04
C GLU A 271 16.78 -8.76 -0.71
N SER A 272 16.18 -9.70 0.01
CA SER A 272 15.29 -10.71 -0.59
C SER A 272 14.01 -10.07 -1.15
N LEU A 273 13.62 -8.92 -0.64
CA LEU A 273 12.55 -8.12 -1.24
C LEU A 273 13.05 -7.35 -2.46
N ALA A 274 14.24 -6.74 -2.33
CA ALA A 274 14.82 -5.92 -3.38
C ALA A 274 15.01 -6.69 -4.69
N ILE A 275 15.70 -7.82 -4.61
CA ILE A 275 15.94 -8.68 -5.76
C ILE A 275 15.33 -10.04 -5.44
N SER A 276 14.34 -10.45 -6.23
CA SER A 276 13.57 -11.66 -5.93
C SER A 276 13.19 -12.46 -7.18
N LYS A 277 12.94 -13.75 -6.98
CA LYS A 277 12.51 -14.66 -8.03
C LYS A 277 11.00 -14.78 -7.99
N HIS A 278 10.37 -14.77 -9.17
CA HIS A 278 8.91 -14.80 -9.27
C HIS A 278 8.44 -15.87 -10.25
N ALA A 279 7.47 -16.68 -9.81
CA ALA A 279 6.88 -17.73 -10.64
C ALA A 279 5.54 -17.26 -11.20
N TYR A 280 5.45 -17.21 -12.51
CA TYR A 280 4.22 -16.82 -13.21
C TYR A 280 3.94 -17.86 -14.28
N GLU A 281 2.95 -18.72 -14.04
CA GLU A 281 2.71 -19.89 -14.87
C GLU A 281 3.98 -20.75 -14.93
N GLU A 282 4.48 -21.04 -16.14
CA GLU A 282 5.73 -21.80 -16.27
C GLU A 282 6.94 -20.86 -16.33
N LYS A 283 6.69 -19.57 -16.55
CA LYS A 283 7.77 -18.58 -16.62
C LYS A 283 8.38 -18.31 -15.25
N ARG A 284 9.68 -18.05 -15.23
CA ARG A 284 10.41 -17.70 -14.00
C ARG A 284 11.24 -16.46 -14.27
N TYR A 285 11.06 -15.44 -13.45
CA TYR A 285 11.77 -14.17 -13.61
C TYR A 285 12.60 -13.85 -12.37
N LEU A 286 13.78 -13.27 -12.58
CA LEU A 286 14.54 -12.63 -11.51
C LEU A 286 14.38 -11.13 -11.70
N ILE A 287 13.63 -10.50 -10.81
CA ILE A 287 13.30 -9.08 -10.91
C ILE A 287 14.16 -8.26 -9.96
N THR A 288 14.73 -7.17 -10.47
CA THR A 288 15.57 -6.29 -9.67
C THR A 288 14.80 -5.01 -9.35
N GLY A 289 14.74 -4.67 -8.07
CA GLY A 289 13.96 -3.53 -7.61
C GLY A 289 12.50 -3.88 -7.46
N GLY A 290 11.72 -2.96 -6.91
CA GLY A 290 10.31 -3.18 -6.69
C GLY A 290 10.02 -3.85 -5.36
N LEU A 291 8.82 -3.61 -4.86
CA LEU A 291 8.38 -4.08 -3.56
C LEU A 291 7.32 -5.16 -3.79
N PRO A 292 7.52 -6.36 -3.23
CA PRO A 292 6.46 -7.39 -3.36
C PRO A 292 5.19 -7.00 -2.61
N SER A 293 4.04 -7.32 -3.18
CA SER A 293 2.75 -6.86 -2.65
C SER A 293 2.29 -7.62 -1.39
N GLY A 294 2.41 -8.95 -1.41
CA GLY A 294 1.85 -9.79 -0.36
C GLY A 294 2.58 -9.80 0.98
N CYS A 295 3.75 -9.16 1.03
CA CYS A 295 4.47 -9.03 2.31
C CYS A 295 3.70 -8.10 3.24
N ALA A 296 3.66 -8.46 4.52
CA ALA A 296 2.94 -7.67 5.54
C ALA A 296 3.52 -6.26 5.70
N ALA A 297 4.83 -6.11 5.51
CA ALA A 297 5.51 -4.84 5.69
C ALA A 297 5.49 -3.93 4.45
N THR A 298 4.89 -4.39 3.35
CA THR A 298 4.90 -3.66 2.08
C THR A 298 4.47 -2.20 2.22
N SER A 299 3.26 -1.98 2.72
CA SER A 299 2.72 -0.62 2.81
C SER A 299 3.52 0.25 3.78
N MET A 300 4.04 -0.36 4.85
CA MET A 300 4.95 0.34 5.77
C MET A 300 6.22 0.80 5.06
N LEU A 301 6.85 -0.12 4.34
CA LEU A 301 8.08 0.19 3.61
C LEU A 301 7.85 1.26 2.54
N ASN A 302 6.78 1.09 1.78
CA ASN A 302 6.40 2.05 0.75
C ASN A 302 6.15 3.44 1.34
N THR A 303 5.42 3.48 2.45
CA THR A 303 5.11 4.72 3.17
C THR A 303 6.39 5.47 3.59
N ILE A 304 7.33 4.75 4.17
CA ILE A 304 8.58 5.33 4.65
C ILE A 304 9.44 5.82 3.48
N MET A 305 9.55 5.00 2.45
CA MET A 305 10.30 5.37 1.24
C MET A 305 9.77 6.66 0.63
N ASN A 306 8.46 6.74 0.46
CA ASN A 306 7.83 7.89 -0.17
C ASN A 306 7.92 9.17 0.66
N ASN A 307 7.94 9.01 1.99
CA ASN A 307 8.17 10.12 2.91
C ASN A 307 9.58 10.69 2.70
N ILE A 308 10.57 9.81 2.66
CA ILE A 308 11.95 10.18 2.38
C ILE A 308 12.07 10.85 1.01
N ILE A 309 11.46 10.25 0.00
CA ILE A 309 11.59 10.71 -1.38
C ILE A 309 11.10 12.14 -1.61
N ILE A 310 10.01 12.55 -0.95
CA ILE A 310 9.45 13.88 -1.18
C ILE A 310 10.38 15.00 -0.67
N ARG A 311 11.02 14.79 0.48
CA ARG A 311 11.97 15.76 1.01
C ARG A 311 13.26 15.77 0.18
N ALA A 312 13.69 14.60 -0.28
CA ALA A 312 14.82 14.51 -1.19
C ALA A 312 14.56 15.31 -2.47
N GLY A 313 13.35 15.19 -3.00
CA GLY A 313 12.92 15.99 -4.14
C GLY A 313 12.97 17.47 -3.85
N LEU A 314 12.54 17.85 -2.65
CA LEU A 314 12.57 19.25 -2.22
C LEU A 314 14.01 19.77 -2.04
N TYR A 315 14.89 18.95 -1.45
CA TYR A 315 16.31 19.31 -1.35
C TYR A 315 16.96 19.46 -2.71
N LEU A 316 16.64 18.53 -3.63
CA LEU A 316 17.17 18.58 -5.00
C LEU A 316 16.68 19.81 -5.75
N THR A 317 15.48 20.29 -5.42
CA THR A 317 14.88 21.43 -6.10
C THR A 317 15.35 22.77 -5.52
N TYR A 318 15.36 22.87 -4.20
CA TYR A 318 15.65 24.13 -3.52
C TYR A 318 16.92 24.03 -2.67
N LYS A 319 17.96 24.77 -3.06
CA LYS A 319 19.23 24.77 -2.32
C LYS A 319 19.12 25.23 -0.86
N ASN A 320 18.15 26.11 -0.58
N ASN A 320 18.16 26.11 -0.57
CA ASN A 320 17.93 26.65 0.75
CA ASN A 320 17.97 26.62 0.78
C ASN A 320 16.90 25.87 1.57
C ASN A 320 16.89 25.87 1.57
N PHE A 321 16.48 24.71 1.09
CA PHE A 321 15.48 23.89 1.79
C PHE A 321 16.05 23.31 3.07
N GLU A 322 15.19 23.18 4.08
CA GLU A 322 15.56 22.57 5.34
C GLU A 322 14.45 21.59 5.76
N PHE A 323 14.85 20.52 6.44
CA PHE A 323 13.95 19.41 6.75
C PHE A 323 12.60 19.85 7.32
N ASP A 324 12.64 20.79 8.26
CA ASP A 324 11.44 21.22 8.99
C ASP A 324 10.65 22.35 8.32
N ASP A 325 11.01 22.73 7.10
CA ASP A 325 10.22 23.68 6.32
C ASP A 325 8.86 23.08 5.91
N VAL A 326 8.75 21.76 5.97
CA VAL A 326 7.47 21.09 5.73
C VAL A 326 7.22 20.01 6.77
N LYS A 327 5.96 19.59 6.84
CA LYS A 327 5.57 18.39 7.56
C LYS A 327 4.89 17.46 6.56
N VAL A 328 5.09 16.15 6.73
CA VAL A 328 4.65 15.16 5.76
C VAL A 328 3.73 14.15 6.41
N LEU A 329 2.68 13.76 5.68
CA LEU A 329 1.81 12.67 6.10
C LEU A 329 1.69 11.69 4.94
N SER A 330 2.31 10.53 5.11
CA SER A 330 2.40 9.54 4.04
C SER A 330 1.54 8.30 4.34
N TYR A 331 0.93 7.75 3.30
CA TYR A 331 0.25 6.46 3.38
C TYR A 331 0.37 5.78 2.03
N GLY A 332 1.27 4.80 1.93
CA GLY A 332 1.54 4.13 0.66
C GLY A 332 1.90 5.17 -0.40
N ASP A 333 1.13 5.18 -1.50
CA ASP A 333 1.35 6.11 -2.62
C ASP A 333 0.71 7.49 -2.45
N ASP A 334 -0.08 7.67 -1.38
CA ASP A 334 -0.72 8.96 -1.10
C ASP A 334 0.13 9.75 -0.11
N LEU A 335 0.27 11.04 -0.35
CA LEU A 335 1.11 11.88 0.49
C LEU A 335 0.58 13.31 0.59
N LEU A 336 0.66 13.87 1.80
CA LEU A 336 0.33 15.27 2.06
C LEU A 336 1.60 16.01 2.50
N VAL A 337 1.74 17.25 2.06
CA VAL A 337 2.84 18.11 2.48
C VAL A 337 2.24 19.39 3.03
N ALA A 338 2.36 19.59 4.35
CA ALA A 338 1.84 20.79 5.02
C ALA A 338 2.98 21.76 5.24
N THR A 339 2.74 23.03 4.95
CA THR A 339 3.79 24.04 5.01
C THR A 339 3.22 25.46 5.06
N ASN A 340 4.03 26.39 5.53
CA ASN A 340 3.71 27.81 5.48
C ASN A 340 4.31 28.49 4.24
N TYR A 341 5.26 27.82 3.60
CA TYR A 341 5.90 28.35 2.39
C TYR A 341 5.09 27.98 1.15
N GLN A 342 5.28 28.75 0.08
CA GLN A 342 4.73 28.38 -1.22
C GLN A 342 5.76 27.52 -1.93
N LEU A 343 5.34 26.32 -2.33
CA LEU A 343 6.24 25.38 -3.00
C LEU A 343 5.71 25.07 -4.38
N ASN A 344 6.63 24.87 -5.33
CA ASN A 344 6.29 24.59 -6.71
C ASN A 344 6.58 23.12 -7.03
N PHE A 345 5.56 22.28 -6.91
CA PHE A 345 5.74 20.83 -7.09
C PHE A 345 5.90 20.38 -8.55
N ASP A 346 5.64 21.27 -9.50
CA ASP A 346 6.04 21.02 -10.90
C ASP A 346 7.56 20.93 -11.00
N ARG A 347 8.27 21.85 -10.33
CA ARG A 347 9.73 21.82 -10.27
C ARG A 347 10.25 20.60 -9.49
N VAL A 348 9.54 20.24 -8.43
CA VAL A 348 9.90 19.05 -7.64
C VAL A 348 9.69 17.78 -8.47
N ARG A 349 8.64 17.75 -9.28
CA ARG A 349 8.41 16.64 -10.19
C ARG A 349 9.59 16.47 -11.15
N THR A 350 10.04 17.59 -11.73
CA THR A 350 11.19 17.57 -12.65
C THR A 350 12.42 17.00 -11.94
N SER A 351 12.69 17.47 -10.74
CA SER A 351 13.82 16.98 -9.95
C SER A 351 13.74 15.48 -9.71
N LEU A 352 12.60 15.00 -9.23
CA LEU A 352 12.45 13.58 -8.91
C LEU A 352 12.45 12.67 -10.14
N ALA A 353 12.04 13.21 -11.28
CA ALA A 353 12.06 12.46 -12.54
C ALA A 353 13.48 12.10 -12.98
N LYS A 354 14.46 12.91 -12.56
CA LYS A 354 15.87 12.63 -12.84
C LYS A 354 16.37 11.36 -12.15
N THR A 355 15.68 10.94 -11.08
CA THR A 355 16.02 9.74 -10.34
C THR A 355 15.03 8.59 -10.55
N GLY A 356 14.21 8.69 -11.60
CA GLY A 356 13.26 7.63 -11.93
C GLY A 356 11.91 7.66 -11.20
N TYR A 357 11.68 8.68 -10.39
CA TYR A 357 10.44 8.75 -9.60
C TYR A 357 9.44 9.74 -10.17
N LYS A 358 8.20 9.27 -10.34
CA LYS A 358 7.11 10.09 -10.86
C LYS A 358 6.18 10.52 -9.73
N ILE A 359 5.86 11.81 -9.67
CA ILE A 359 4.80 12.31 -8.79
C ILE A 359 3.78 13.08 -9.62
N THR A 360 2.53 13.04 -9.20
CA THR A 360 1.44 13.77 -9.84
C THR A 360 0.49 14.28 -8.77
N PRO A 361 -0.38 15.25 -9.13
CA PRO A 361 -1.39 15.68 -8.16
C PRO A 361 -2.35 14.56 -7.82
N ALA A 362 -2.90 14.57 -6.60
CA ALA A 362 -3.81 13.52 -6.15
C ALA A 362 -5.16 13.52 -6.87
N ASN A 363 -5.56 14.67 -7.40
CA ASN A 363 -6.79 14.78 -8.20
C ASN A 363 -6.55 14.48 -9.70
N LYS A 364 -7.53 14.77 -10.54
CA LYS A 364 -7.46 14.45 -11.97
C LYS A 364 -6.49 15.34 -12.77
N THR A 365 -6.15 16.50 -12.21
CA THR A 365 -5.29 17.48 -12.89
C THR A 365 -3.91 16.92 -13.26
N SER A 366 -3.34 17.45 -14.35
CA SER A 366 -2.06 16.99 -14.87
C SER A 366 -0.86 17.79 -14.33
N THR A 367 -1.11 18.97 -13.77
CA THR A 367 -0.06 19.80 -13.16
C THR A 367 -0.42 20.19 -11.73
N PHE A 368 0.61 20.53 -10.95
CA PHE A 368 0.41 20.90 -9.55
C PHE A 368 -0.02 22.35 -9.44
N PRO A 369 -0.95 22.65 -8.51
CA PRO A 369 -1.30 24.04 -8.24
C PRO A 369 -0.31 24.69 -7.28
N LEU A 370 -0.03 25.97 -7.48
CA LEU A 370 0.84 26.73 -6.58
C LEU A 370 0.18 26.95 -5.22
N GLU A 371 -1.14 27.14 -5.23
CA GLU A 371 -1.92 27.34 -4.02
C GLU A 371 -2.78 26.13 -3.73
N SER A 372 -2.73 25.65 -2.50
CA SER A 372 -3.54 24.50 -2.07
C SER A 372 -3.65 24.50 -0.56
N THR A 373 -4.86 24.37 -0.05
CA THR A 373 -5.11 24.35 1.39
C THR A 373 -5.68 23.00 1.81
N LEU A 374 -5.86 22.82 3.12
CA LEU A 374 -6.44 21.59 3.68
C LEU A 374 -7.78 21.22 3.03
N GLU A 375 -8.61 22.22 2.75
CA GLU A 375 -9.93 21.97 2.14
C GLU A 375 -9.87 21.50 0.68
N ASP A 376 -8.73 21.71 0.02
CA ASP A 376 -8.57 21.33 -1.39
C ASP A 376 -8.05 19.90 -1.59
N VAL A 377 -7.26 19.40 -0.64
CA VAL A 377 -6.52 18.15 -0.84
C VAL A 377 -7.37 16.88 -0.79
N VAL A 378 -6.90 15.85 -1.47
CA VAL A 378 -7.47 14.51 -1.38
C VAL A 378 -6.41 13.59 -0.81
N PHE A 379 -6.82 12.70 0.10
CA PHE A 379 -5.91 11.79 0.77
C PHE A 379 -6.67 10.48 1.01
N LEU A 380 -6.21 9.41 0.38
CA LEU A 380 -6.90 8.11 0.43
C LEU A 380 -8.34 8.24 -0.10
N LYS A 381 -8.48 8.92 -1.23
CA LYS A 381 -9.77 9.18 -1.89
C LYS A 381 -10.76 10.00 -1.04
N ARG A 382 -10.28 10.67 0.00
CA ARG A 382 -11.12 11.39 0.94
C ARG A 382 -10.65 12.84 1.08
N LYS A 383 -11.61 13.76 1.14
CA LYS A 383 -11.31 15.15 1.48
C LYS A 383 -11.49 15.37 2.98
N PHE A 384 -11.03 16.53 3.45
CA PHE A 384 -11.20 16.92 4.84
C PHE A 384 -12.33 17.93 4.95
N LYS A 385 -13.44 17.50 5.55
CA LYS A 385 -14.61 18.37 5.72
C LYS A 385 -14.76 18.71 7.19
N LYS A 386 -14.86 20.02 7.47
CA LYS A 386 -14.94 20.52 8.83
C LYS A 386 -16.33 20.31 9.40
N GLU A 387 -16.39 19.82 10.64
CA GLU A 387 -17.66 19.58 11.33
C GLU A 387 -17.51 19.99 12.81
N GLY A 388 -17.70 21.27 13.07
CA GLY A 388 -17.41 21.83 14.39
C GLY A 388 -15.91 21.78 14.62
N PRO A 389 -15.47 21.21 15.76
CA PRO A 389 -14.03 21.01 16.00
C PRO A 389 -13.48 19.70 15.41
N LEU A 390 -14.31 18.96 14.69
CA LEU A 390 -13.94 17.67 14.10
C LEU A 390 -13.73 17.80 12.60
N TYR A 391 -13.09 16.78 12.01
CA TYR A 391 -13.00 16.64 10.56
C TYR A 391 -13.55 15.26 10.17
N ARG A 392 -14.28 15.20 9.07
CA ARG A 392 -14.81 13.93 8.59
C ARG A 392 -14.27 13.62 7.19
N PRO A 393 -13.99 12.33 6.92
CA PRO A 393 -13.45 11.91 5.63
C PRO A 393 -14.55 11.75 4.59
N VAL A 394 -14.72 12.76 3.73
CA VAL A 394 -15.74 12.71 2.70
C VAL A 394 -15.14 12.05 1.46
N MET A 395 -15.59 10.85 1.14
CA MET A 395 -15.02 10.08 0.04
C MET A 395 -15.54 10.60 -1.31
N ASN A 396 -14.66 10.55 -2.32
N ASN A 396 -14.67 10.54 -2.32
CA ASN A 396 -15.02 10.96 -3.68
CA ASN A 396 -15.01 10.94 -3.68
C ASN A 396 -16.24 10.20 -4.18
C ASN A 396 -16.24 10.19 -4.19
N ARG A 397 -17.13 10.91 -4.86
CA ARG A 397 -18.40 10.34 -5.34
C ARG A 397 -18.21 9.20 -6.33
N GLU A 398 -17.25 9.36 -7.24
CA GLU A 398 -17.00 8.35 -8.27
C GLU A 398 -16.42 7.07 -7.66
N ALA A 399 -15.66 7.19 -6.58
CA ALA A 399 -15.12 6.03 -5.88
C ALA A 399 -16.24 5.24 -5.22
N LEU A 400 -17.17 5.95 -4.57
CA LEU A 400 -18.31 5.32 -3.92
C LEU A 400 -19.22 4.60 -4.93
N GLU A 401 -19.54 5.29 -6.02
CA GLU A 401 -20.41 4.72 -7.06
C GLU A 401 -19.76 3.50 -7.74
N ALA A 402 -18.45 3.53 -7.90
CA ALA A 402 -17.70 2.41 -8.46
C ALA A 402 -17.76 1.19 -7.54
N MET A 403 -17.48 1.40 -6.26
CA MET A 403 -17.57 0.34 -5.25
C MET A 403 -18.95 -0.32 -5.21
N LEU A 404 -19.99 0.49 -5.36
CA LEU A 404 -21.36 0.01 -5.30
C LEU A 404 -21.84 -0.67 -6.59
N SER A 405 -21.08 -0.53 -7.68
CA SER A 405 -21.48 -1.06 -8.98
C SER A 405 -21.06 -2.52 -9.21
N TYR A 406 -20.12 -3.01 -8.42
CA TYR A 406 -19.66 -4.39 -8.53
C TYR A 406 -19.54 -5.05 -7.16
N TYR A 407 -19.59 -6.38 -7.14
CA TYR A 407 -19.45 -7.15 -5.90
C TYR A 407 -18.92 -8.56 -6.17
N ARG A 408 -18.59 -9.27 -5.10
CA ARG A 408 -18.19 -10.67 -5.16
C ARG A 408 -19.28 -11.52 -4.52
N PRO A 409 -19.93 -12.40 -5.32
CA PRO A 409 -20.99 -13.27 -4.79
C PRO A 409 -20.63 -13.94 -3.46
N GLY A 410 -21.52 -13.84 -2.48
CA GLY A 410 -21.31 -14.39 -1.15
C GLY A 410 -21.10 -13.35 -0.06
N THR A 411 -20.61 -12.16 -0.44
CA THR A 411 -20.25 -11.12 0.53
C THR A 411 -20.85 -9.74 0.18
N LEU A 412 -22.04 -9.73 -0.41
CA LEU A 412 -22.68 -8.48 -0.81
C LEU A 412 -23.09 -7.63 0.40
N SER A 413 -23.75 -8.26 1.36
CA SER A 413 -24.26 -7.55 2.53
C SER A 413 -23.16 -6.88 3.36
N GLU A 414 -22.04 -7.57 3.55
CA GLU A 414 -20.91 -7.01 4.31
C GLU A 414 -20.13 -5.95 3.52
N LYS A 415 -20.19 -6.02 2.19
CA LYS A 415 -19.64 -4.95 1.36
C LYS A 415 -20.49 -3.70 1.47
N LEU A 416 -21.82 -3.87 1.39
CA LEU A 416 -22.74 -2.75 1.55
C LEU A 416 -22.60 -2.10 2.93
N THR A 417 -22.49 -2.94 3.96
CA THR A 417 -22.29 -2.45 5.33
C THR A 417 -21.04 -1.59 5.44
N SER A 418 -19.93 -2.05 4.85
CA SER A 418 -18.68 -1.30 4.89
C SER A 418 -18.81 0.03 4.14
N ILE A 419 -19.53 0.02 3.03
CA ILE A 419 -19.73 1.23 2.23
C ILE A 419 -20.64 2.25 2.92
N THR A 420 -21.59 1.79 3.75
CA THR A 420 -22.44 2.72 4.50
C THR A 420 -21.59 3.61 5.40
N MET A 421 -20.58 3.02 6.03
CA MET A 421 -19.67 3.76 6.92
C MET A 421 -18.77 4.74 6.16
N LEU A 422 -18.51 4.45 4.89
CA LEU A 422 -17.80 5.39 4.02
C LEU A 422 -18.74 6.49 3.52
N ALA A 423 -19.95 6.11 3.11
CA ALA A 423 -20.89 7.04 2.47
C ALA A 423 -21.58 8.01 3.44
N VAL A 424 -21.61 7.66 4.72
CA VAL A 424 -22.27 8.50 5.74
C VAL A 424 -21.76 9.95 5.74
N HIS A 425 -20.47 10.12 5.49
CA HIS A 425 -19.85 11.44 5.55
C HIS A 425 -20.24 12.36 4.38
N SER A 426 -20.92 11.81 3.37
CA SER A 426 -21.42 12.59 2.25
C SER A 426 -22.78 13.26 2.52
N GLY A 427 -23.40 12.96 3.67
CA GLY A 427 -24.69 13.54 4.05
C GLY A 427 -25.84 12.63 3.69
N LYS A 428 -27.00 12.87 4.29
CA LYS A 428 -28.15 11.98 4.14
C LYS A 428 -28.64 11.89 2.69
N GLN A 429 -28.72 13.04 2.01
CA GLN A 429 -29.25 13.09 0.65
C GLN A 429 -28.41 12.24 -0.30
N GLU A 430 -27.09 12.40 -0.24
CA GLU A 430 -26.17 11.63 -1.07
C GLU A 430 -26.15 10.15 -0.65
N TYR A 431 -26.21 9.91 0.66
CA TYR A 431 -26.27 8.56 1.21
C TYR A 431 -27.47 7.80 0.65
N ASP A 432 -28.64 8.42 0.72
CA ASP A 432 -29.87 7.81 0.22
C ASP A 432 -29.86 7.61 -1.31
N ARG A 433 -29.24 8.54 -2.04
CA ARG A 433 -29.11 8.41 -3.49
C ARG A 433 -28.21 7.23 -3.88
N LEU A 434 -27.10 7.06 -3.17
CA LEU A 434 -26.15 5.99 -3.45
C LEU A 434 -26.73 4.59 -3.24
N PHE A 435 -27.57 4.43 -2.21
CA PHE A 435 -28.15 3.14 -1.88
C PHE A 435 -29.56 2.91 -2.46
N ALA A 436 -30.08 3.91 -3.18
CA ALA A 436 -31.44 3.84 -3.73
C ALA A 436 -31.66 2.68 -4.71
N PRO A 437 -30.66 2.38 -5.56
CA PRO A 437 -30.83 1.23 -6.46
C PRO A 437 -31.08 -0.08 -5.73
N PHE A 438 -30.45 -0.25 -4.56
CA PHE A 438 -30.59 -1.46 -3.76
C PHE A 438 -31.92 -1.51 -3.01
N ARG A 439 -32.30 -0.39 -2.39
CA ARG A 439 -33.53 -0.32 -1.61
C ARG A 439 -34.79 -0.41 -2.49
N GLU A 440 -34.70 0.09 -3.71
CA GLU A 440 -35.83 0.01 -4.65
C GLU A 440 -36.17 -1.43 -5.06
N VAL A 441 -35.16 -2.29 -5.07
CA VAL A 441 -35.35 -3.71 -5.40
C VAL A 441 -35.43 -4.60 -4.14
N GLY A 442 -35.77 -4.00 -2.99
CA GLY A 442 -36.11 -4.76 -1.79
C GLY A 442 -35.00 -5.06 -0.81
N VAL A 443 -33.80 -4.52 -1.04
CA VAL A 443 -32.68 -4.73 -0.11
C VAL A 443 -32.81 -3.78 1.08
N ILE A 444 -32.63 -4.30 2.30
CA ILE A 444 -32.61 -3.46 3.50
C ILE A 444 -31.19 -2.92 3.70
N VAL A 445 -31.04 -1.61 3.64
CA VAL A 445 -29.77 -0.94 3.91
C VAL A 445 -29.90 -0.14 5.20
N PRO A 446 -28.92 -0.26 6.12
CA PRO A 446 -28.94 0.52 7.36
C PRO A 446 -29.21 2.01 7.13
N THR A 447 -29.97 2.61 8.03
CA THR A 447 -30.36 4.01 7.89
C THR A 447 -29.15 4.93 8.01
N PHE A 448 -29.25 6.11 7.40
CA PHE A 448 -28.23 7.14 7.54
C PHE A 448 -28.00 7.45 9.02
N GLU A 449 -29.11 7.59 9.76
CA GLU A 449 -29.08 8.01 11.15
C GLU A 449 -28.30 7.02 12.03
N SER A 450 -28.49 5.73 11.78
CA SER A 450 -27.82 4.69 12.57
C SER A 450 -26.30 4.75 12.42
N VAL A 451 -25.84 4.98 11.20
CA VAL A 451 -24.41 5.08 10.91
C VAL A 451 -23.85 6.42 11.39
N GLU A 452 -24.61 7.49 11.16
CA GLU A 452 -24.23 8.83 11.65
C GLU A 452 -24.10 8.84 13.17
N TYR A 453 -25.02 8.19 13.87
CA TYR A 453 -24.97 8.06 15.33
C TYR A 453 -23.67 7.39 15.78
N ARG A 454 -23.31 6.31 15.09
CA ARG A 454 -22.09 5.56 15.40
C ARG A 454 -20.85 6.46 15.32
N TRP A 455 -20.73 7.23 14.24
CA TRP A 455 -19.57 8.10 14.06
C TRP A 455 -19.53 9.23 15.08
N ARG A 456 -20.66 9.91 15.28
CA ARG A 456 -20.76 11.00 16.24
C ARG A 456 -20.35 10.55 17.64
N SER A 457 -20.80 9.37 18.04
CA SER A 457 -20.53 8.82 19.37
C SER A 457 -19.05 8.55 19.66
N LEU A 458 -18.22 8.47 18.61
CA LEU A 458 -16.79 8.26 18.78
C LEU A 458 -16.12 9.40 19.55
N PHE A 459 -16.71 10.59 19.53
CA PHE A 459 -16.11 11.78 20.16
C PHE A 459 -16.86 12.32 21.37
N TRP A 460 -17.88 11.59 21.84
CA TRP A 460 -18.63 12.04 23.02
C TRP A 460 -17.90 11.73 24.31
N GLN B . 4.83 3.76 -5.80
CA GLN B . 5.81 2.94 -6.57
C GLN B . 5.68 3.16 -8.08
O GLN B . 5.11 2.35 -8.82
CB GLN B . 5.65 1.46 -6.24
CG GLN B . 6.74 0.59 -6.84
CD GLN B . 6.95 -0.70 -6.10
OE1 GLN B . 7.98 -0.91 -5.48
NE2 GLN B . 5.96 -1.59 -6.17
OXT GLN B . 6.15 4.18 -8.59
MG MG C . -5.41 -5.21 -11.40
C1 GOL D . -12.85 1.99 -6.17
O1 GOL D . -12.64 0.66 -6.67
C2 GOL D . -12.34 3.02 -7.19
O2 GOL D . -11.37 2.40 -8.06
C3 GOL D . -11.68 4.18 -6.46
O3 GOL D . -11.74 5.37 -7.26
#